data_3ZJQ
#
_entry.id   3ZJQ
#
_cell.length_a   50.530
_cell.length_b   48.210
_cell.length_c   81.010
_cell.angle_alpha   90.00
_cell.angle_beta   102.75
_cell.angle_gamma   90.00
#
_symmetry.space_group_name_H-M   'P 1 21 1'
#
loop_
_entity.id
_entity.type
_entity.pdbx_description
1 polymer PROTOGLOBIN
2 non-polymer 'PROTOPORPHYRIN IX CONTAINING FE'
3 non-polymer NICOTINAMIDE
4 non-polymer GLYCEROL
5 water water
#
_entity_poly.entity_id   1
_entity_poly.type   'polypeptide(L)'
_entity_poly.pdbx_seq_one_letter_code
;MSVEKIPGYTYGETENRAPFNLEDLKLLKEAVMFTAEDEEYIQKAGEVLEDQVEEILDTWYGFVGSHPHLLYYFTSPDGT
PNEKYLAAVRKRFSRWILDTSNRSYDQAWLDYQYEIGLRHHRTKKNQTDNVESVPNIGYRYLVAFIYPITATMKPFLARK
GHTPEEVEKMYQAWFKATTLQVALWSYPYVKYGDF
;
_entity_poly.pdbx_strand_id   A,B
#
loop_
_chem_comp.id
_chem_comp.type
_chem_comp.name
_chem_comp.formula
GOL non-polymer GLYCEROL 'C3 H8 O3'
HEM non-polymer 'PROTOPORPHYRIN IX CONTAINING FE' 'C34 H32 Fe N4 O4'
NCA non-polymer NICOTINAMIDE 'C6 H6 N2 O'
#
# COMPACT_ATOMS: atom_id res chain seq x y z
N ILE A 6 6.24 28.54 -0.97
CA ILE A 6 4.99 27.73 -0.85
C ILE A 6 4.54 27.71 0.60
N PRO A 7 3.37 28.32 0.89
CA PRO A 7 2.93 28.38 2.29
C PRO A 7 2.76 26.98 2.90
N GLY A 8 3.39 26.80 4.07
CA GLY A 8 3.29 25.56 4.83
C GLY A 8 4.34 24.51 4.49
N TYR A 9 5.02 24.69 3.35
CA TYR A 9 6.04 23.75 2.90
C TYR A 9 7.35 23.96 3.65
N THR A 10 7.72 22.99 4.48
CA THR A 10 8.86 23.14 5.39
C THR A 10 9.94 22.07 5.21
N TYR A 11 10.07 21.57 3.99
CA TYR A 11 11.10 20.58 3.65
C TYR A 11 12.47 21.10 4.09
N GLY A 12 13.21 20.28 4.83
CA GLY A 12 14.54 20.64 5.31
C GLY A 12 14.56 21.50 6.56
N GLU A 13 13.37 21.82 7.08
CA GLU A 13 13.25 22.71 8.23
C GLU A 13 12.20 22.25 9.25
N THR A 14 12.07 20.93 9.40
CA THR A 14 11.11 20.35 10.33
C THR A 14 11.60 20.46 11.77
N GLU A 15 10.68 20.58 12.70
CA GLU A 15 11.05 20.71 14.12
C GLU A 15 11.36 19.37 14.78
N ASN A 16 11.06 18.26 14.09
CA ASN A 16 11.43 16.92 14.55
C ASN A 16 12.40 16.20 13.60
N ARG A 17 13.25 15.35 14.19
CA ARG A 17 13.98 14.34 13.42
C ARG A 17 13.07 13.13 13.27
N ALA A 18 13.13 12.47 12.11
CA ALA A 18 12.37 11.24 11.88
C ALA A 18 12.76 10.13 12.86
N PRO A 19 11.78 9.31 13.30
CA PRO A 19 12.05 8.18 14.19
C PRO A 19 12.66 6.98 13.45
N PHE A 20 12.61 7.03 12.12
CA PHE A 20 13.29 6.05 11.28
C PHE A 20 14.55 6.68 10.67
N ASN A 21 15.60 5.89 10.55
CA ASN A 21 16.88 6.37 10.04
C ASN A 21 17.24 5.80 8.67
N LEU A 22 18.45 6.11 8.21
CA LEU A 22 18.88 5.70 6.87
C LEU A 22 19.05 4.19 6.69
N GLU A 23 19.41 3.49 7.77
CA GLU A 23 19.47 2.04 7.72
C GLU A 23 18.06 1.44 7.59
N ASP A 24 17.09 2.04 8.29
CA ASP A 24 15.67 1.66 8.12
C ASP A 24 15.26 1.85 6.65
N LEU A 25 15.66 2.98 6.07
CA LEU A 25 15.29 3.30 4.69
C LEU A 25 15.90 2.32 3.69
N LYS A 26 17.17 1.96 3.90
CA LYS A 26 17.86 0.96 3.07
C LYS A 26 17.05 -0.34 3.04
N LEU A 27 16.63 -0.81 4.22
CA LEU A 27 15.90 -2.08 4.34
C LEU A 27 14.49 -2.00 3.77
N LEU A 28 13.85 -0.84 3.89
CA LEU A 28 12.52 -0.64 3.32
C LEU A 28 12.59 -0.53 1.79
N LYS A 29 13.65 0.09 1.29
CA LYS A 29 13.90 0.12 -0.15
C LYS A 29 14.08 -1.29 -0.71
N GLU A 30 14.74 -2.16 0.04
CA GLU A 30 14.88 -3.55 -0.38
C GLU A 30 13.53 -4.26 -0.41
N ALA A 31 12.65 -3.92 0.52
CA ALA A 31 11.31 -4.52 0.61
C ALA A 31 10.42 -4.15 -0.58
N VAL A 32 10.54 -2.92 -1.07
CA VAL A 32 9.80 -2.47 -2.27
C VAL A 32 10.59 -2.65 -3.56
N MET A 33 11.74 -3.32 -3.47
CA MET A 33 12.57 -3.65 -4.64
C MET A 33 13.10 -2.41 -5.35
N PHE A 34 13.37 -1.36 -4.58
CA PHE A 34 13.86 -0.08 -5.09
C PHE A 34 15.39 -0.09 -5.15
N THR A 35 15.93 0.16 -6.34
CA THR A 35 17.36 0.11 -6.56
C THR A 35 17.86 1.40 -7.23
N ALA A 36 19.14 1.43 -7.57
CA ALA A 36 19.73 2.58 -8.27
C ALA A 36 19.05 2.82 -9.63
N GLU A 37 18.55 1.75 -10.25
CA GLU A 37 17.77 1.86 -11.49
C GLU A 37 16.53 2.72 -11.28
N ASP A 38 15.82 2.47 -10.19
CA ASP A 38 14.64 3.26 -9.83
C ASP A 38 14.97 4.72 -9.49
N GLU A 39 16.11 4.94 -8.84
CA GLU A 39 16.66 6.29 -8.64
C GLU A 39 16.74 7.05 -9.96
N GLU A 40 17.31 6.40 -10.97
CA GLU A 40 17.44 6.98 -12.30
C GLU A 40 16.08 7.26 -12.93
N TYR A 41 15.21 6.26 -12.95
CA TYR A 41 13.92 6.36 -13.63
C TYR A 41 12.88 7.25 -12.94
N ILE A 42 12.98 7.38 -11.62
CA ILE A 42 12.10 8.32 -10.90
C ILE A 42 12.49 9.76 -11.26
N GLN A 43 13.80 10.00 -11.39
CA GLN A 43 14.30 11.32 -11.82
C GLN A 43 13.87 11.63 -13.25
N LYS A 44 13.93 10.62 -14.12
CA LYS A 44 13.43 10.73 -15.49
C LYS A 44 11.92 11.00 -15.52
N ALA A 45 11.18 10.41 -14.57
CA ALA A 45 9.74 10.63 -14.45
C ALA A 45 9.43 12.10 -14.13
N GLY A 46 10.29 12.73 -13.33
CA GLY A 46 10.15 14.16 -13.03
C GLY A 46 10.24 15.04 -14.25
N GLU A 47 11.18 14.72 -15.14
CA GLU A 47 11.33 15.41 -16.42
C GLU A 47 10.04 15.34 -17.22
N VAL A 48 9.44 14.15 -17.27
CA VAL A 48 8.20 13.93 -18.01
C VAL A 48 7.00 14.66 -17.37
N LEU A 49 6.89 14.57 -16.05
CA LEU A 49 5.69 15.03 -15.35
C LEU A 49 5.65 16.51 -14.99
N GLU A 50 6.81 17.17 -14.95
CA GLU A 50 6.90 18.52 -14.39
C GLU A 50 5.84 19.51 -14.92
N ASP A 51 5.71 19.59 -16.25
CA ASP A 51 4.76 20.53 -16.85
C ASP A 51 3.36 19.94 -17.04
N GLN A 52 3.13 18.75 -16.47
CA GLN A 52 1.82 18.11 -16.49
C GLN A 52 1.13 18.15 -15.11
N VAL A 53 1.79 18.74 -14.12
CA VAL A 53 1.29 18.71 -12.73
C VAL A 53 -0.17 19.15 -12.57
N GLU A 54 -0.57 20.18 -13.30
CA GLU A 54 -1.93 20.73 -13.19
C GLU A 54 -3.00 19.72 -13.62
N GLU A 55 -2.76 19.03 -14.73
CA GLU A 55 -3.68 18.00 -15.22
C GLU A 55 -3.69 16.78 -14.29
N ILE A 56 -2.53 16.45 -13.73
CA ILE A 56 -2.39 15.37 -12.75
C ILE A 56 -3.20 15.71 -11.49
N LEU A 57 -2.99 16.92 -10.98
CA LEU A 57 -3.71 17.40 -9.81
C LEU A 57 -5.22 17.41 -10.02
N ASP A 58 -5.65 17.83 -11.21
CA ASP A 58 -7.08 17.89 -11.54
C ASP A 58 -7.73 16.50 -11.51
N THR A 59 -6.99 15.50 -11.97
CA THR A 59 -7.45 14.11 -11.96
C THR A 59 -7.59 13.60 -10.53
N TRP A 60 -6.57 13.84 -9.70
CA TRP A 60 -6.57 13.37 -8.33
C TRP A 60 -7.62 14.09 -7.50
N TYR A 61 -7.72 15.40 -7.68
CA TYR A 61 -8.72 16.21 -7.00
C TYR A 61 -10.15 15.91 -7.44
N GLY A 62 -10.29 15.52 -8.71
CA GLY A 62 -11.59 15.15 -9.27
C GLY A 62 -12.08 13.83 -8.70
N PHE A 63 -11.15 12.90 -8.48
CA PHE A 63 -11.46 11.63 -7.83
C PHE A 63 -11.97 11.87 -6.40
N VAL A 64 -11.20 12.63 -5.61
CA VAL A 64 -11.57 12.92 -4.22
C VAL A 64 -12.89 13.70 -4.15
N GLY A 65 -13.04 14.66 -5.06
CA GLY A 65 -14.23 15.51 -5.11
C GLY A 65 -15.52 14.77 -5.46
N SER A 66 -15.38 13.65 -6.16
CA SER A 66 -16.55 12.88 -6.59
C SER A 66 -17.04 11.88 -5.52
N HIS A 67 -16.32 11.80 -4.41
CA HIS A 67 -16.68 10.89 -3.32
C HIS A 67 -16.81 11.65 -1.99
N PRO A 68 -18.05 11.81 -1.50
CA PRO A 68 -18.26 12.59 -0.27
C PRO A 68 -17.47 12.08 0.93
N HIS A 69 -17.26 10.78 1.05
CA HIS A 69 -16.52 10.24 2.19
C HIS A 69 -15.01 10.51 2.11
N LEU A 70 -14.54 10.92 0.93
CA LEU A 70 -13.14 11.30 0.77
C LEU A 70 -12.98 12.82 0.82
N LEU A 71 -13.79 13.56 0.07
CA LEU A 71 -13.83 15.03 0.14
C LEU A 71 -14.05 15.49 1.58
N TYR A 72 -14.75 14.65 2.35
CA TYR A 72 -14.96 14.82 3.79
C TYR A 72 -13.76 15.37 4.55
N TYR A 73 -12.56 14.90 4.20
CA TYR A 73 -11.34 15.25 4.96
C TYR A 73 -10.87 16.70 4.74
N PHE A 74 -11.46 17.37 3.75
CA PHE A 74 -11.21 18.79 3.51
C PHE A 74 -12.38 19.67 3.94
N THR A 75 -13.37 19.09 4.63
CA THR A 75 -14.59 19.84 4.97
C THR A 75 -14.48 20.59 6.27
N SER A 76 -15.16 21.74 6.33
CA SER A 76 -15.38 22.47 7.57
C SER A 76 -16.37 21.69 8.42
N PRO A 77 -16.45 22.00 9.73
CA PRO A 77 -17.37 21.29 10.63
C PRO A 77 -18.81 21.23 10.15
N ASP A 78 -19.26 22.22 9.37
CA ASP A 78 -20.62 22.19 8.83
C ASP A 78 -20.79 21.23 7.63
N GLY A 79 -19.71 20.56 7.23
CA GLY A 79 -19.76 19.57 6.15
C GLY A 79 -19.51 20.10 4.75
N THR A 80 -19.33 21.41 4.63
CA THR A 80 -19.05 22.02 3.32
C THR A 80 -17.53 22.05 3.08
N PRO A 81 -17.10 21.83 1.81
CA PRO A 81 -15.68 21.82 1.48
C PRO A 81 -15.01 23.17 1.77
N ASN A 82 -13.87 23.14 2.45
CA ASN A 82 -13.06 24.33 2.66
C ASN A 82 -12.11 24.51 1.46
N GLU A 83 -12.49 25.39 0.53
CA GLU A 83 -11.74 25.56 -0.70
C GLU A 83 -10.36 26.21 -0.49
N LYS A 84 -10.21 26.97 0.59
CA LYS A 84 -8.89 27.52 0.94
C LYS A 84 -7.93 26.42 1.40
N TYR A 85 -8.47 25.49 2.19
CA TYR A 85 -7.74 24.30 2.65
C TYR A 85 -7.34 23.46 1.44
N LEU A 86 -8.31 23.18 0.56
CA LEU A 86 -8.05 22.43 -0.67
C LEU A 86 -6.95 23.05 -1.51
N ALA A 87 -7.01 24.37 -1.69
CA ALA A 87 -6.05 25.10 -2.55
C ALA A 87 -4.64 25.16 -1.95
N ALA A 88 -4.56 25.38 -0.64
CA ALA A 88 -3.26 25.47 0.03
C ALA A 88 -2.53 24.12 -0.02
N VAL A 89 -3.27 23.04 0.24
CA VAL A 89 -2.72 21.68 0.18
C VAL A 89 -2.28 21.33 -1.24
N ARG A 90 -3.07 21.76 -2.23
CA ARG A 90 -2.79 21.50 -3.65
CA ARG A 90 -2.79 21.51 -3.65
C ARG A 90 -1.39 21.94 -4.04
N LYS A 91 -0.96 23.10 -3.53
CA LYS A 91 0.36 23.63 -3.84
C LYS A 91 1.49 22.75 -3.28
N ARG A 92 1.29 22.25 -2.06
CA ARG A 92 2.28 21.37 -1.42
C ARG A 92 2.26 19.96 -2.02
N PHE A 93 1.07 19.52 -2.44
CA PHE A 93 0.87 18.25 -3.15
C PHE A 93 1.58 18.28 -4.51
N SER A 94 1.45 19.41 -5.20
CA SER A 94 2.11 19.64 -6.48
C SER A 94 3.63 19.55 -6.32
N ARG A 95 4.14 20.19 -5.27
CA ARG A 95 5.57 20.17 -4.98
C ARG A 95 6.05 18.75 -4.61
N TRP A 96 5.22 18.00 -3.89
CA TRP A 96 5.52 16.64 -3.53
C TRP A 96 5.84 15.78 -4.76
N ILE A 97 5.07 15.98 -5.83
CA ILE A 97 5.31 15.26 -7.09
C ILE A 97 6.74 15.49 -7.56
N LEU A 98 7.17 16.76 -7.55
CA LEU A 98 8.53 17.12 -7.94
C LEU A 98 9.58 16.56 -6.98
N ASP A 99 9.32 16.68 -5.67
CA ASP A 99 10.23 16.15 -4.63
C ASP A 99 10.53 14.66 -4.77
N THR A 100 9.47 13.88 -5.04
CA THR A 100 9.59 12.44 -5.24
C THR A 100 10.61 12.12 -6.35
N SER A 101 10.63 12.97 -7.37
CA SER A 101 11.49 12.78 -8.53
CA SER A 101 11.49 12.78 -8.53
C SER A 101 12.86 13.43 -8.39
N ASN A 102 12.95 14.49 -7.59
CA ASN A 102 14.15 15.33 -7.55
C ASN A 102 15.02 15.31 -6.29
N ARG A 103 14.44 14.93 -5.15
CA ARG A 103 15.20 14.90 -3.90
C ARG A 103 15.98 13.61 -3.77
N SER A 104 17.18 13.70 -3.21
CA SER A 104 17.88 12.50 -2.73
C SER A 104 17.06 11.93 -1.57
N TYR A 105 16.90 10.61 -1.52
CA TYR A 105 16.18 10.00 -0.41
C TYR A 105 17.14 9.82 0.75
N ASP A 106 17.31 10.88 1.53
CA ASP A 106 18.32 10.97 2.56
C ASP A 106 17.69 11.38 3.89
N GLN A 107 18.49 11.92 4.81
CA GLN A 107 17.93 12.30 6.11
C GLN A 107 16.87 13.41 6.03
N ALA A 108 17.14 14.46 5.24
CA ALA A 108 16.15 15.54 5.05
C ALA A 108 14.83 15.00 4.49
N TRP A 109 14.94 14.09 3.52
CA TRP A 109 13.77 13.47 2.91
C TRP A 109 12.99 12.68 3.96
N LEU A 110 13.68 11.87 4.75
CA LEU A 110 13.02 11.09 5.80
C LEU A 110 12.33 11.95 6.85
N ASP A 111 12.99 13.04 7.24
CA ASP A 111 12.39 14.01 8.17
C ASP A 111 11.07 14.54 7.62
N TYR A 112 11.04 14.87 6.33
CA TYR A 112 9.79 15.40 5.75
C TYR A 112 8.73 14.33 5.54
N GLN A 113 9.16 13.08 5.34
CA GLN A 113 8.25 11.94 5.30
C GLN A 113 7.49 11.76 6.61
N TYR A 114 8.21 11.92 7.72
CA TYR A 114 7.58 11.87 9.04
C TYR A 114 6.60 13.04 9.17
N GLU A 115 6.99 14.22 8.70
CA GLU A 115 6.11 15.40 8.72
C GLU A 115 4.81 15.19 7.93
N ILE A 116 4.90 14.62 6.73
CA ILE A 116 3.70 14.39 5.91
C ILE A 116 2.76 13.39 6.59
N GLY A 117 3.35 12.34 7.18
CA GLY A 117 2.59 11.37 7.97
C GLY A 117 1.87 12.07 9.12
N LEU A 118 2.60 12.89 9.85
CA LEU A 118 2.02 13.67 10.96
C LEU A 118 0.87 14.57 10.54
N ARG A 119 0.95 15.11 9.32
CA ARG A 119 -0.05 16.05 8.82
C ARG A 119 -1.36 15.39 8.38
N HIS A 120 -1.29 14.12 7.98
CA HIS A 120 -2.51 13.36 7.68
C HIS A 120 -3.14 12.88 8.98
N HIS A 121 -2.29 12.62 9.96
CA HIS A 121 -2.66 12.08 11.27
C HIS A 121 -3.19 13.20 12.14
N ARG A 122 -3.90 12.87 13.22
CA ARG A 122 -4.44 13.91 14.10
C ARG A 122 -3.36 14.76 14.79
N THR A 123 -2.14 14.22 14.87
CA THR A 123 -1.00 14.94 15.48
C THR A 123 -0.83 16.37 14.92
N LYS A 124 -0.86 16.51 13.59
CA LYS A 124 -0.65 17.82 12.97
C LYS A 124 -1.69 18.24 11.92
N LYS A 125 -2.68 17.38 11.64
CA LYS A 125 -3.69 17.74 10.65
C LYS A 125 -4.36 19.06 11.03
N ASN A 126 -4.54 19.94 10.03
CA ASN A 126 -5.22 21.23 10.17
C ASN A 126 -4.41 22.37 10.80
N GLN A 127 -3.21 22.06 11.26
CA GLN A 127 -2.32 23.06 11.86
C GLN A 127 -1.56 23.90 10.84
N THR A 128 -1.08 23.26 9.78
CA THR A 128 -0.26 23.93 8.78
C THR A 128 -0.97 25.12 8.12
N ASP A 129 -2.24 24.95 7.79
CA ASP A 129 -3.01 26.00 7.12
C ASP A 129 -3.91 26.76 8.07
N ASN A 130 -3.86 26.39 9.35
CA ASN A 130 -4.66 27.02 10.40
C ASN A 130 -6.15 26.95 10.05
N VAL A 131 -6.61 25.75 9.71
CA VAL A 131 -8.00 25.53 9.34
C VAL A 131 -8.72 24.69 10.38
N GLU A 132 -10.05 24.71 10.31
CA GLU A 132 -10.87 23.85 11.15
C GLU A 132 -11.55 22.83 10.24
N SER A 133 -11.15 21.58 10.40
CA SER A 133 -11.63 20.50 9.55
C SER A 133 -11.66 19.23 10.39
N VAL A 134 -11.88 18.08 9.77
CA VAL A 134 -11.95 16.83 10.54
C VAL A 134 -10.57 16.55 11.15
N PRO A 135 -10.54 16.02 12.39
CA PRO A 135 -9.28 15.88 13.12
C PRO A 135 -8.27 14.85 12.60
N ASN A 136 -8.74 13.76 11.97
CA ASN A 136 -7.85 12.68 11.53
C ASN A 136 -8.25 12.11 10.17
N ILE A 137 -7.28 11.69 9.38
CA ILE A 137 -7.57 10.89 8.19
C ILE A 137 -7.29 9.43 8.48
N GLY A 138 -8.37 8.64 8.51
CA GLY A 138 -8.26 7.22 8.81
C GLY A 138 -7.19 6.56 7.96
N TYR A 139 -6.31 5.79 8.59
CA TYR A 139 -5.15 5.26 7.88
C TYR A 139 -5.53 4.33 6.73
N ARG A 140 -6.65 3.61 6.88
CA ARG A 140 -7.17 2.75 5.82
C ARG A 140 -7.12 3.42 4.44
N TYR A 141 -7.42 4.71 4.40
CA TYR A 141 -7.53 5.45 3.14
C TYR A 141 -6.19 5.87 2.54
N LEU A 142 -5.20 6.09 3.38
CA LEU A 142 -3.83 6.33 2.89
C LEU A 142 -3.29 5.11 2.13
N VAL A 143 -3.51 3.92 2.69
CA VAL A 143 -3.09 2.69 2.02
C VAL A 143 -3.90 2.55 0.75
N ALA A 144 -5.23 2.72 0.86
CA ALA A 144 -6.11 2.64 -0.30
C ALA A 144 -5.64 3.51 -1.46
N PHE A 145 -5.24 4.74 -1.15
CA PHE A 145 -4.83 5.72 -2.16
C PHE A 145 -3.56 5.37 -2.91
N ILE A 146 -2.81 4.38 -2.43
CA ILE A 146 -1.67 3.86 -3.18
C ILE A 146 -2.12 3.49 -4.59
N TYR A 147 -3.28 2.84 -4.70
CA TYR A 147 -3.79 2.48 -6.01
C TYR A 147 -4.07 3.69 -6.94
N PRO A 148 -5.03 4.58 -6.57
CA PRO A 148 -5.27 5.71 -7.48
C PRO A 148 -4.04 6.60 -7.73
N ILE A 149 -3.23 6.87 -6.70
CA ILE A 149 -2.02 7.71 -6.89
C ILE A 149 -1.01 7.07 -7.86
N THR A 150 -0.90 5.75 -7.81
CA THR A 150 -0.02 5.02 -8.72
C THR A 150 -0.64 4.89 -10.11
N ALA A 151 -1.81 4.26 -10.17
CA ALA A 151 -2.42 3.85 -11.43
C ALA A 151 -2.76 5.01 -12.38
N THR A 152 -3.19 6.14 -11.82
CA THR A 152 -3.60 7.28 -12.65
C THR A 152 -2.41 8.06 -13.19
N MET A 153 -1.23 7.83 -12.62
CA MET A 153 0.00 8.45 -13.10
C MET A 153 0.46 7.86 -14.44
N LYS A 154 0.15 6.59 -14.67
CA LYS A 154 0.59 5.85 -15.87
C LYS A 154 0.36 6.59 -17.22
N PRO A 155 -0.87 7.07 -17.50
CA PRO A 155 -1.11 7.76 -18.77
C PRO A 155 -0.24 9.02 -18.97
N PHE A 156 0.03 9.73 -17.88
CA PHE A 156 0.83 10.95 -17.95
C PHE A 156 2.31 10.68 -18.28
N LEU A 157 2.79 9.49 -17.89
CA LEU A 157 4.17 9.10 -18.15
C LEU A 157 4.42 8.73 -19.62
N ALA A 158 3.33 8.44 -20.34
CA ALA A 158 3.40 8.07 -21.76
C ALA A 158 3.23 9.26 -22.70
N ARG A 159 2.93 10.43 -22.15
CA ARG A 159 2.52 11.59 -22.94
C ARG A 159 3.66 12.40 -23.60
N LYS A 160 4.90 12.07 -23.28
CA LYS A 160 6.04 12.80 -23.85
C LYS A 160 6.87 12.03 -24.88
N GLY A 161 6.32 10.93 -25.37
CA GLY A 161 6.92 10.19 -26.49
C GLY A 161 8.00 9.18 -26.15
N HIS A 162 8.16 8.88 -24.87
CA HIS A 162 9.12 7.87 -24.43
C HIS A 162 8.68 6.48 -24.87
N THR A 163 9.65 5.59 -25.08
CA THR A 163 9.37 4.21 -25.50
C THR A 163 8.61 3.45 -24.41
N PRO A 164 7.85 2.40 -24.80
CA PRO A 164 7.10 1.55 -23.86
C PRO A 164 7.94 0.98 -22.72
N GLU A 165 9.21 0.65 -22.97
CA GLU A 165 10.10 0.14 -21.93
C GLU A 165 10.47 1.24 -20.95
N GLU A 166 10.71 2.45 -21.47
CA GLU A 166 11.02 3.63 -20.66
CA GLU A 166 11.02 3.61 -20.65
C GLU A 166 9.84 3.98 -19.75
N VAL A 167 8.64 4.03 -20.35
CA VAL A 167 7.41 4.36 -19.64
C VAL A 167 7.18 3.37 -18.49
N GLU A 168 7.31 2.08 -18.80
CA GLU A 168 7.13 1.01 -17.82
C GLU A 168 8.07 1.12 -16.63
N LYS A 169 9.34 1.42 -16.90
CA LYS A 169 10.34 1.61 -15.84
C LYS A 169 10.05 2.86 -14.98
N MET A 170 9.66 3.96 -15.62
CA MET A 170 9.26 5.16 -14.87
C MET A 170 8.04 4.86 -14.00
N TYR A 171 7.06 4.15 -14.57
CA TYR A 171 5.87 3.77 -13.83
C TYR A 171 6.16 2.83 -12.65
N GLN A 172 7.04 1.86 -12.83
CA GLN A 172 7.41 0.96 -11.73
C GLN A 172 8.12 1.72 -10.62
N ALA A 173 8.98 2.66 -11.01
CA ALA A 173 9.68 3.51 -10.05
C ALA A 173 8.68 4.33 -9.24
N TRP A 174 7.64 4.82 -9.92
CA TRP A 174 6.61 5.64 -9.28
C TRP A 174 5.78 4.82 -8.27
N PHE A 175 5.41 3.62 -8.70
CA PHE A 175 4.69 2.66 -7.86
C PHE A 175 5.51 2.36 -6.60
N LYS A 176 6.79 2.04 -6.77
CA LYS A 176 7.66 1.72 -5.62
C LYS A 176 7.77 2.89 -4.63
N ALA A 177 7.98 4.09 -5.17
CA ALA A 177 8.15 5.30 -4.36
C ALA A 177 6.90 5.71 -3.60
N THR A 178 5.74 5.58 -4.24
CA THR A 178 4.44 5.84 -3.59
C THR A 178 4.23 4.86 -2.43
N THR A 179 4.40 3.57 -2.71
CA THR A 179 4.31 2.50 -1.69
C THR A 179 5.26 2.76 -0.52
N LEU A 180 6.52 3.06 -0.86
CA LEU A 180 7.56 3.35 0.14
C LEU A 180 7.14 4.47 1.09
N GLN A 181 6.63 5.55 0.52
CA GLN A 181 6.25 6.73 1.27
C GLN A 181 5.07 6.48 2.20
N VAL A 182 4.01 5.87 1.67
CA VAL A 182 2.83 5.54 2.50
C VAL A 182 3.21 4.62 3.65
N ALA A 183 4.14 3.70 3.41
CA ALA A 183 4.68 2.84 4.47
C ALA A 183 5.29 3.66 5.60
N LEU A 184 6.12 4.64 5.23
CA LEU A 184 6.71 5.55 6.21
C LEU A 184 5.65 6.35 6.97
N TRP A 185 4.63 6.81 6.26
CA TRP A 185 3.61 7.67 6.86
C TRP A 185 2.73 6.94 7.87
N SER A 186 2.82 5.61 7.90
CA SER A 186 2.09 4.83 8.91
C SER A 186 2.61 5.08 10.32
N TYR A 187 3.84 5.58 10.44
CA TYR A 187 4.48 5.67 11.75
C TYR A 187 3.59 6.29 12.86
N PRO A 188 3.08 7.52 12.63
CA PRO A 188 2.27 8.13 13.73
C PRO A 188 0.95 7.41 14.01
N TYR A 189 0.50 6.60 13.05
CA TYR A 189 -0.75 5.85 13.17
C TYR A 189 -0.60 4.54 13.95
N VAL A 190 0.60 3.95 13.88
CA VAL A 190 0.82 2.59 14.37
C VAL A 190 1.09 2.57 15.87
N LYS A 191 0.49 1.62 16.59
CA LYS A 191 0.73 1.44 18.02
C LYS A 191 2.24 1.37 18.28
N TYR A 192 2.70 2.08 19.30
CA TYR A 192 4.14 2.21 19.53
C TYR A 192 4.83 0.85 19.59
N GLY A 193 5.84 0.68 18.76
CA GLY A 193 6.63 -0.55 18.72
C GLY A 193 6.19 -1.59 17.70
N ASP A 194 5.09 -1.33 16.99
CA ASP A 194 4.57 -2.29 16.00
C ASP A 194 4.87 -1.89 14.56
N PHE A 195 5.58 -0.78 14.38
CA PHE A 195 5.94 -0.24 13.07
C PHE A 195 7.15 -0.95 12.48
N LYS B 5 -8.01 -31.10 4.89
CA LYS B 5 -8.19 -29.84 5.69
C LYS B 5 -6.85 -29.14 5.91
N ILE B 6 -6.79 -27.84 5.56
CA ILE B 6 -5.58 -27.04 5.71
C ILE B 6 -5.38 -26.59 7.17
N PRO B 7 -4.30 -27.06 7.83
CA PRO B 7 -4.09 -26.71 9.24
C PRO B 7 -4.01 -25.20 9.44
N GLY B 8 -4.79 -24.70 10.40
CA GLY B 8 -4.81 -23.29 10.72
C GLY B 8 -5.76 -22.44 9.92
N TYR B 9 -6.26 -22.96 8.79
CA TYR B 9 -7.14 -22.20 7.90
C TYR B 9 -8.56 -22.21 8.45
N THR B 10 -9.01 -21.06 8.94
CA THR B 10 -10.26 -20.99 9.71
C THR B 10 -11.30 -20.06 9.08
N TYR B 11 -11.19 -19.86 7.76
CA TYR B 11 -12.12 -19.03 7.00
C TYR B 11 -13.56 -19.44 7.28
N GLY B 12 -14.36 -18.47 7.71
CA GLY B 12 -15.77 -18.71 8.00
C GLY B 12 -16.07 -19.06 9.44
N GLU B 13 -15.02 -19.40 10.20
CA GLU B 13 -15.18 -19.86 11.59
C GLU B 13 -14.20 -19.16 12.53
N THR B 14 -13.97 -17.86 12.31
CA THR B 14 -13.05 -17.09 13.15
C THR B 14 -13.66 -16.82 14.53
N GLU B 15 -12.78 -16.59 15.52
CA GLU B 15 -13.19 -16.29 16.90
C GLU B 15 -13.94 -14.97 17.01
N ASN B 16 -13.51 -13.99 16.22
CA ASN B 16 -14.02 -12.63 16.34
C ASN B 16 -14.78 -12.19 15.10
N ARG B 17 -15.74 -11.29 15.31
CA ARG B 17 -16.32 -10.51 14.24
C ARG B 17 -15.34 -9.39 13.94
N ALA B 18 -15.18 -9.08 12.65
CA ALA B 18 -14.33 -7.96 12.22
C ALA B 18 -14.86 -6.62 12.75
N PRO B 19 -13.95 -5.68 13.07
CA PRO B 19 -14.38 -4.37 13.54
C PRO B 19 -14.88 -3.48 12.40
N PHE B 20 -14.71 -3.94 11.16
CA PHE B 20 -15.26 -3.24 9.99
C PHE B 20 -16.39 -4.06 9.38
N ASN B 21 -17.37 -3.37 8.79
CA ASN B 21 -18.54 -4.01 8.21
C ASN B 21 -18.65 -3.79 6.70
N LEU B 22 -19.74 -4.28 6.10
CA LEU B 22 -19.90 -4.20 4.64
C LEU B 22 -20.05 -2.76 4.12
N GLU B 23 -20.53 -1.85 4.97
CA GLU B 23 -20.55 -0.43 4.63
C GLU B 23 -19.13 0.16 4.62
N ASP B 24 -18.30 -0.22 5.60
CA ASP B 24 -16.89 0.17 5.62
C ASP B 24 -16.21 -0.30 4.34
N LEU B 25 -16.49 -1.55 3.96
CA LEU B 25 -15.86 -2.17 2.80
C LEU B 25 -16.26 -1.48 1.50
N LYS B 26 -17.53 -1.11 1.39
CA LYS B 26 -18.06 -0.37 0.25
C LYS B 26 -17.26 0.91 0.02
N LEU B 27 -17.03 1.64 1.11
CA LEU B 27 -16.30 2.90 1.04
C LEU B 27 -14.81 2.70 0.76
N LEU B 28 -14.24 1.61 1.26
CA LEU B 28 -12.84 1.32 0.99
C LEU B 28 -12.63 0.86 -0.45
N LYS B 29 -13.60 0.10 -0.97
CA LYS B 29 -13.58 -0.32 -2.36
C LYS B 29 -13.61 0.90 -3.28
N GLU B 30 -14.37 1.93 -2.88
CA GLU B 30 -14.43 3.15 -3.66
C GLU B 30 -13.08 3.86 -3.67
N ALA B 31 -12.38 3.82 -2.54
CA ALA B 31 -11.06 4.44 -2.40
C ALA B 31 -9.96 3.75 -3.25
N VAL B 32 -10.11 2.45 -3.48
CA VAL B 32 -9.18 1.72 -4.37
C VAL B 32 -9.72 1.54 -5.80
N MET B 33 -10.84 2.20 -6.09
CA MET B 33 -11.49 2.14 -7.41
C MET B 33 -11.91 0.73 -7.83
N PHE B 34 -12.24 -0.10 -6.85
CA PHE B 34 -12.67 -1.48 -7.09
C PHE B 34 -14.18 -1.53 -7.32
N THR B 35 -14.60 -2.10 -8.47
CA THR B 35 -16.01 -2.18 -8.83
C THR B 35 -16.40 -3.60 -9.22
N ALA B 36 -17.67 -3.78 -9.63
CA ALA B 36 -18.17 -5.04 -10.16
C ALA B 36 -17.34 -5.55 -11.35
N GLU B 37 -16.75 -4.63 -12.10
CA GLU B 37 -15.86 -4.99 -13.21
C GLU B 37 -14.61 -5.70 -12.69
N ASP B 38 -14.08 -5.22 -11.59
CA ASP B 38 -12.93 -5.86 -10.94
C ASP B 38 -13.30 -7.20 -10.30
N GLU B 39 -14.51 -7.31 -9.76
CA GLU B 39 -15.03 -8.60 -9.28
C GLU B 39 -14.92 -9.65 -10.37
N GLU B 40 -15.33 -9.28 -11.59
CA GLU B 40 -15.26 -10.17 -12.74
C GLU B 40 -13.82 -10.52 -13.11
N TYR B 41 -12.97 -9.50 -13.17
CA TYR B 41 -11.59 -9.72 -13.62
C TYR B 41 -10.68 -10.39 -12.62
N ILE B 42 -10.99 -10.25 -11.32
CA ILE B 42 -10.26 -10.97 -10.29
C ILE B 42 -10.58 -12.49 -10.39
N GLN B 43 -11.82 -12.81 -10.73
CA GLN B 43 -12.24 -14.21 -10.94
C GLN B 43 -11.54 -14.81 -12.16
N LYS B 44 -11.44 -14.04 -13.24
CA LYS B 44 -10.72 -14.45 -14.43
C LYS B 44 -9.22 -14.63 -14.13
N ALA B 45 -8.68 -13.75 -13.31
CA ALA B 45 -7.29 -13.86 -12.86
C ALA B 45 -7.07 -15.22 -12.19
N GLY B 46 -8.03 -15.61 -11.35
CA GLY B 46 -8.00 -16.90 -10.65
C GLY B 46 -7.93 -18.09 -11.60
N GLU B 47 -8.70 -18.03 -12.68
CA GLU B 47 -8.68 -19.08 -13.70
C GLU B 47 -7.29 -19.20 -14.33
N VAL B 48 -6.66 -18.06 -14.60
CA VAL B 48 -5.31 -18.02 -15.17
C VAL B 48 -4.25 -18.51 -14.19
N LEU B 49 -4.37 -18.08 -12.94
CA LEU B 49 -3.34 -18.35 -11.93
C LEU B 49 -3.43 -19.73 -11.27
N GLU B 50 -4.59 -20.37 -11.34
CA GLU B 50 -4.87 -21.58 -10.55
C GLU B 50 -3.80 -22.68 -10.64
N ASP B 51 -3.41 -23.07 -11.85
CA ASP B 51 -2.39 -24.13 -12.02
C ASP B 51 -0.95 -23.61 -11.93
N GLN B 52 -0.79 -22.32 -11.61
CA GLN B 52 0.53 -21.70 -11.52
C GLN B 52 0.95 -21.40 -10.08
N VAL B 53 0.09 -21.74 -9.12
CA VAL B 53 0.28 -21.33 -7.73
C VAL B 53 1.65 -21.72 -7.16
N GLU B 54 2.11 -22.94 -7.47
CA GLU B 54 3.41 -23.40 -6.94
C GLU B 54 4.56 -22.51 -7.41
N GLU B 55 4.53 -22.09 -8.67
CA GLU B 55 5.58 -21.23 -9.23
C GLU B 55 5.49 -19.79 -8.68
N ILE B 56 4.27 -19.35 -8.42
CA ILE B 56 4.04 -18.03 -7.81
C ILE B 56 4.61 -18.03 -6.38
N LEU B 57 4.29 -19.08 -5.63
CA LEU B 57 4.76 -19.25 -4.26
C LEU B 57 6.29 -19.28 -4.16
N ASP B 58 6.93 -20.00 -5.09
CA ASP B 58 8.39 -20.07 -5.16
C ASP B 58 9.03 -18.70 -5.41
N THR B 59 8.40 -17.90 -6.27
CA THR B 59 8.84 -16.53 -6.54
C THR B 59 8.77 -15.66 -5.28
N TRP B 60 7.66 -15.76 -4.56
CA TRP B 60 7.43 -14.93 -3.39
C TRP B 60 8.28 -15.37 -2.19
N TYR B 61 8.34 -16.68 -1.99
CA TYR B 61 9.22 -17.27 -0.97
C TYR B 61 10.69 -17.04 -1.27
N GLY B 62 11.04 -17.03 -2.56
CA GLY B 62 12.41 -16.73 -3.00
C GLY B 62 12.84 -15.32 -2.67
N PHE B 63 11.92 -14.36 -2.84
CA PHE B 63 12.19 -12.96 -2.52
C PHE B 63 12.47 -12.79 -1.04
N VAL B 64 11.57 -13.31 -0.20
CA VAL B 64 11.72 -13.23 1.26
C VAL B 64 13.02 -13.91 1.70
N GLY B 65 13.28 -15.11 1.16
CA GLY B 65 14.45 -15.90 1.53
C GLY B 65 15.79 -15.27 1.17
N SER B 66 15.79 -14.36 0.21
CA SER B 66 17.02 -13.73 -0.27
C SER B 66 17.39 -12.46 0.51
N HIS B 67 16.51 -12.03 1.42
CA HIS B 67 16.78 -10.88 2.28
C HIS B 67 16.69 -11.29 3.75
N PRO B 68 17.85 -11.31 4.45
CA PRO B 68 17.90 -11.70 5.85
C PRO B 68 16.89 -10.97 6.75
N HIS B 69 16.66 -9.68 6.51
CA HIS B 69 15.75 -8.89 7.35
C HIS B 69 14.26 -9.20 7.08
N LEU B 70 14.00 -9.90 5.97
CA LEU B 70 12.66 -10.37 5.63
C LEU B 70 12.43 -11.81 6.07
N LEU B 71 13.33 -12.72 5.71
CA LEU B 71 13.28 -14.11 6.19
C LEU B 71 13.23 -14.16 7.72
N TYR B 72 13.82 -13.15 8.35
CA TYR B 72 13.79 -12.91 9.80
C TYR B 72 12.45 -13.25 10.47
N TYR B 73 11.35 -12.92 9.81
CA TYR B 73 10.02 -13.10 10.41
C TYR B 73 9.53 -14.53 10.48
N PHE B 74 10.23 -15.44 9.80
CA PHE B 74 10.00 -16.88 9.88
C PHE B 74 11.06 -17.64 10.70
N THR B 75 11.95 -16.92 11.38
CA THR B 75 13.10 -17.57 12.02
C THR B 75 12.83 -18.00 13.46
N SER B 76 13.54 -19.03 13.89
CA SER B 76 13.59 -19.42 15.30
C SER B 76 14.52 -18.43 16.01
N PRO B 77 14.52 -18.41 17.36
CA PRO B 77 15.41 -17.50 18.09
C PRO B 77 16.88 -17.57 17.64
N ASP B 78 17.35 -18.75 17.24
CA ASP B 78 18.73 -18.92 16.79
C ASP B 78 19.02 -18.26 15.43
N GLY B 79 17.99 -17.67 14.83
CA GLY B 79 18.13 -16.89 13.62
C GLY B 79 18.08 -17.69 12.33
N THR B 80 17.80 -18.99 12.45
CA THR B 80 17.64 -19.87 11.30
C THR B 80 16.14 -20.02 10.98
N PRO B 81 15.81 -20.16 9.69
CA PRO B 81 14.40 -20.27 9.31
C PRO B 81 13.72 -21.49 9.91
N ASN B 82 12.55 -21.30 10.52
CA ASN B 82 11.74 -22.42 10.98
C ASN B 82 11.01 -23.03 9.80
N GLU B 83 11.46 -24.20 9.36
CA GLU B 83 10.93 -24.81 8.14
C GLU B 83 9.49 -25.32 8.28
N LYS B 84 9.13 -25.73 9.49
CA LYS B 84 7.77 -26.18 9.77
C LYS B 84 6.81 -24.99 9.64
N TYR B 85 7.24 -23.84 10.16
CA TYR B 85 6.50 -22.58 10.11
C TYR B 85 6.31 -22.13 8.66
N LEU B 86 7.39 -22.12 7.89
CA LEU B 86 7.36 -21.73 6.48
C LEU B 86 6.39 -22.59 5.66
N ALA B 87 6.47 -23.91 5.86
CA ALA B 87 5.62 -24.87 5.14
C ALA B 87 4.13 -24.72 5.50
N ALA B 88 3.86 -24.57 6.79
CA ALA B 88 2.49 -24.44 7.29
C ALA B 88 1.82 -23.16 6.76
N VAL B 89 2.56 -22.05 6.78
CA VAL B 89 2.08 -20.77 6.26
C VAL B 89 1.88 -20.83 4.75
N ARG B 90 2.78 -21.54 4.06
CA ARG B 90 2.72 -21.68 2.60
CA ARG B 90 2.72 -21.67 2.59
C ARG B 90 1.40 -22.28 2.12
N LYS B 91 0.87 -23.25 2.87
CA LYS B 91 -0.42 -23.84 2.53
C LYS B 91 -1.56 -22.81 2.63
N ARG B 92 -1.55 -21.99 3.67
CA ARG B 92 -2.59 -20.97 3.85
C ARG B 92 -2.41 -19.79 2.87
N PHE B 93 -1.17 -19.47 2.56
CA PHE B 93 -0.80 -18.43 1.59
C PHE B 93 -1.30 -18.81 0.20
N SER B 94 -1.12 -20.08 -0.14
CA SER B 94 -1.60 -20.65 -1.41
C SER B 94 -3.11 -20.55 -1.52
N ARG B 95 -3.80 -20.87 -0.43
CA ARG B 95 -5.26 -20.82 -0.38
C ARG B 95 -5.75 -19.36 -0.48
N TRP B 96 -4.98 -18.44 0.10
CA TRP B 96 -5.28 -17.02 0.00
C TRP B 96 -5.31 -16.53 -1.45
N ILE B 97 -4.40 -17.03 -2.29
CA ILE B 97 -4.42 -16.67 -3.71
C ILE B 97 -5.77 -17.04 -4.33
N LEU B 98 -6.25 -18.25 -4.05
CA LEU B 98 -7.54 -18.73 -4.55
C LEU B 98 -8.71 -17.94 -3.97
N ASP B 99 -8.68 -17.71 -2.65
CA ASP B 99 -9.73 -16.93 -1.97
C ASP B 99 -9.95 -15.54 -2.57
N THR B 100 -8.83 -14.84 -2.82
CA THR B 100 -8.87 -13.52 -3.42
C THR B 100 -9.66 -13.52 -4.73
N SER B 101 -9.55 -14.61 -5.49
CA SER B 101 -10.22 -14.74 -6.79
C SER B 101 -11.60 -15.38 -6.72
N ASN B 102 -11.85 -16.22 -5.72
CA ASN B 102 -13.05 -17.06 -5.70
C ASN B 102 -14.09 -16.74 -4.64
N ARG B 103 -13.68 -16.06 -3.57
CA ARG B 103 -14.63 -15.70 -2.52
C ARG B 103 -15.39 -14.43 -2.85
N SER B 104 -16.65 -14.37 -2.42
CA SER B 104 -17.40 -13.13 -2.41
CA SER B 104 -17.39 -13.12 -2.41
C SER B 104 -16.83 -12.29 -1.26
N TYR B 105 -16.61 -10.99 -1.49
CA TYR B 105 -16.05 -10.16 -0.43
C TYR B 105 -17.20 -9.71 0.48
N ASP B 106 -17.65 -10.65 1.31
CA ASP B 106 -18.79 -10.47 2.20
C ASP B 106 -18.30 -10.34 3.65
N GLN B 107 -19.20 -10.55 4.62
CA GLN B 107 -18.80 -10.48 6.03
C GLN B 107 -17.81 -11.58 6.43
N ALA B 108 -18.01 -12.79 5.91
CA ALA B 108 -17.09 -13.91 6.19
C ALA B 108 -15.67 -13.58 5.69
N TRP B 109 -15.59 -13.03 4.48
CA TRP B 109 -14.33 -12.55 3.92
C TRP B 109 -13.68 -11.51 4.85
N LEU B 110 -14.45 -10.52 5.28
CA LEU B 110 -13.98 -9.45 6.17
C LEU B 110 -13.48 -9.99 7.52
N ASP B 111 -14.22 -10.95 8.07
CA ASP B 111 -13.81 -11.60 9.31
C ASP B 111 -12.44 -12.28 9.13
N TYR B 112 -12.22 -12.89 7.97
CA TYR B 112 -10.92 -13.53 7.76
C TYR B 112 -9.80 -12.53 7.48
N GLN B 113 -10.15 -11.40 6.89
CA GLN B 113 -9.21 -10.28 6.71
C GLN B 113 -8.67 -9.76 8.04
N TYR B 114 -9.57 -9.62 9.02
CA TYR B 114 -9.19 -9.26 10.38
C TYR B 114 -8.25 -10.32 10.95
N GLU B 115 -8.62 -11.58 10.78
CA GLU B 115 -7.79 -12.70 11.23
C GLU B 115 -6.37 -12.69 10.65
N ILE B 116 -6.25 -12.50 9.33
CA ILE B 116 -4.94 -12.45 8.69
C ILE B 116 -4.12 -11.26 9.21
N GLY B 117 -4.77 -10.13 9.41
CA GLY B 117 -4.11 -8.97 10.01
C GLY B 117 -3.61 -9.29 11.41
N LEU B 118 -4.45 -9.94 12.20
CA LEU B 118 -4.09 -10.32 13.57
C LEU B 118 -2.90 -11.27 13.62
N ARG B 119 -2.82 -12.15 12.62
CA ARG B 119 -1.75 -13.15 12.53
C ARG B 119 -0.39 -12.57 12.13
N HIS B 120 -0.36 -11.48 11.38
CA HIS B 120 0.91 -10.79 11.09
C HIS B 120 1.34 -9.98 12.30
N HIS B 121 0.36 -9.43 13.00
CA HIS B 121 0.54 -8.57 14.16
C HIS B 121 0.88 -9.42 15.40
N ARG B 122 1.47 -8.79 16.42
CA ARG B 122 1.81 -9.53 17.64
C ARG B 122 0.62 -10.21 18.35
N THR B 123 -0.60 -9.73 18.08
CA THR B 123 -1.80 -10.33 18.70
C THR B 123 -1.89 -11.85 18.51
N LYS B 124 -1.73 -12.32 17.29
CA LYS B 124 -1.87 -13.74 17.00
C LYS B 124 -0.66 -14.39 16.33
N LYS B 125 0.35 -13.62 15.94
CA LYS B 125 1.52 -14.22 15.26
C LYS B 125 2.09 -15.37 16.09
N ASN B 126 2.45 -16.47 15.41
CA ASN B 126 3.10 -17.64 16.03
C ASN B 126 2.15 -18.59 16.79
N GLN B 127 0.90 -18.19 16.96
CA GLN B 127 -0.05 -19.01 17.70
C GLN B 127 -0.73 -20.11 16.82
N THR B 128 -0.97 -19.82 15.55
CA THR B 128 -1.67 -20.76 14.67
C THR B 128 -0.87 -22.06 14.49
N ASP B 129 0.44 -21.93 14.33
CA ASP B 129 1.32 -23.07 14.11
C ASP B 129 2.09 -23.48 15.35
N ASN B 130 1.83 -22.78 16.46
CA ASN B 130 2.47 -23.04 17.76
C ASN B 130 4.00 -23.05 17.66
N VAL B 131 4.54 -21.96 17.12
CA VAL B 131 5.99 -21.87 16.93
C VAL B 131 6.60 -20.77 17.78
N GLU B 132 7.89 -20.91 18.09
CA GLU B 132 8.66 -19.86 18.73
C GLU B 132 9.35 -19.09 17.61
N SER B 133 8.83 -17.90 17.30
CA SER B 133 9.43 -17.05 16.28
C SER B 133 9.37 -15.61 16.76
N VAL B 134 9.72 -14.67 15.89
CA VAL B 134 9.70 -13.25 16.26
C VAL B 134 8.26 -12.80 16.55
N PRO B 135 8.08 -11.89 17.53
CA PRO B 135 6.71 -11.60 18.02
C PRO B 135 5.80 -10.76 17.12
N ASN B 136 6.37 -9.95 16.22
CA ASN B 136 5.61 -9.00 15.41
C ASN B 136 6.25 -8.80 14.04
N ILE B 137 5.43 -8.64 13.01
CA ILE B 137 5.94 -8.16 11.71
C ILE B 137 5.64 -6.68 11.60
N GLY B 138 6.69 -5.85 11.60
CA GLY B 138 6.55 -4.40 11.52
C GLY B 138 5.62 -4.00 10.39
N TYR B 139 4.66 -3.12 10.68
CA TYR B 139 3.65 -2.79 9.68
C TYR B 139 4.24 -2.19 8.40
N ARG B 140 5.36 -1.49 8.54
CA ARG B 140 6.05 -0.89 7.41
C ARG B 140 6.23 -1.88 6.25
N TYR B 141 6.49 -3.15 6.59
CA TYR B 141 6.78 -4.19 5.60
C TYR B 141 5.54 -4.81 4.93
N LEU B 142 4.42 -4.84 5.64
CA LEU B 142 3.13 -5.19 5.03
C LEU B 142 2.76 -4.22 3.89
N VAL B 143 2.88 -2.92 4.15
CA VAL B 143 2.63 -1.91 3.11
C VAL B 143 3.63 -2.07 2.00
N ALA B 144 4.93 -2.14 2.36
CA ALA B 144 6.00 -2.35 1.39
C ALA B 144 5.69 -3.50 0.44
N PHE B 145 5.24 -4.62 0.99
CA PHE B 145 4.99 -5.83 0.20
C PHE B 145 3.87 -5.72 -0.83
N ILE B 146 3.07 -4.66 -0.75
CA ILE B 146 2.08 -4.39 -1.81
C ILE B 146 2.77 -4.38 -3.17
N TYR B 147 3.97 -3.77 -3.22
CA TYR B 147 4.69 -3.73 -4.49
C TYR B 147 5.07 -5.13 -5.04
N PRO B 148 5.89 -5.90 -4.29
CA PRO B 148 6.28 -7.21 -4.82
C PRO B 148 5.11 -8.16 -5.07
N ILE B 149 4.13 -8.19 -4.17
CA ILE B 149 2.99 -9.09 -4.31
C ILE B 149 2.16 -8.73 -5.56
N THR B 150 2.07 -7.44 -5.84
CA THR B 150 1.37 -6.97 -7.03
C THR B 150 2.20 -7.18 -8.30
N ALA B 151 3.38 -6.57 -8.35
CA ALA B 151 4.15 -6.46 -9.58
C ALA B 151 4.69 -7.78 -10.11
N THR B 152 5.07 -8.68 -9.22
CA THR B 152 5.60 -9.98 -9.63
C THR B 152 4.50 -10.96 -10.07
N MET B 153 3.24 -10.57 -9.83
CA MET B 153 2.11 -11.35 -10.34
C MET B 153 1.92 -11.18 -11.85
N LYS B 154 2.35 -10.03 -12.39
CA LYS B 154 2.04 -9.71 -13.79
C LYS B 154 2.51 -10.74 -14.84
N PRO B 155 3.77 -11.24 -14.74
CA PRO B 155 4.21 -12.23 -15.74
C PRO B 155 3.36 -13.51 -15.73
N PHE B 156 2.91 -13.94 -14.55
CA PHE B 156 2.03 -15.11 -14.46
C PHE B 156 0.68 -14.89 -15.14
N LEU B 157 0.14 -13.68 -15.03
CA LEU B 157 -1.14 -13.36 -15.65
C LEU B 157 -1.08 -13.37 -17.18
N ALA B 158 0.12 -13.23 -17.74
CA ALA B 158 0.33 -13.21 -19.20
C ALA B 158 0.74 -14.57 -19.78
N ARG B 159 0.96 -15.56 -18.92
CA ARG B 159 1.49 -16.86 -19.36
C ARG B 159 0.53 -17.79 -20.12
N LYS B 160 -0.76 -17.47 -20.13
CA LYS B 160 -1.76 -18.30 -20.81
C LYS B 160 -2.22 -17.72 -22.14
N GLY B 161 -1.45 -16.77 -22.68
CA GLY B 161 -1.72 -16.23 -24.01
C GLY B 161 -2.80 -15.17 -24.13
N HIS B 162 -3.26 -14.63 -23.00
CA HIS B 162 -4.23 -13.54 -23.03
C HIS B 162 -3.57 -12.30 -23.62
N THR B 163 -4.39 -11.45 -24.27
CA THR B 163 -3.90 -10.22 -24.87
C THR B 163 -3.43 -9.25 -23.78
N PRO B 164 -2.51 -8.32 -24.11
CA PRO B 164 -2.04 -7.35 -23.13
C PRO B 164 -3.17 -6.53 -22.48
N GLU B 165 -4.22 -6.27 -23.24
CA GLU B 165 -5.37 -5.50 -22.76
C GLU B 165 -6.15 -6.25 -21.67
N GLU B 166 -6.30 -7.56 -21.86
CA GLU B 166 -6.98 -8.42 -20.88
C GLU B 166 -6.08 -8.75 -19.69
N VAL B 167 -4.77 -8.86 -19.93
CA VAL B 167 -3.80 -9.02 -18.85
C VAL B 167 -3.81 -7.77 -17.98
N GLU B 168 -3.89 -6.61 -18.61
CA GLU B 168 -3.95 -5.31 -17.92
C GLU B 168 -5.15 -5.22 -16.97
N LYS B 169 -6.32 -5.68 -17.39
CA LYS B 169 -7.52 -5.64 -16.56
C LYS B 169 -7.42 -6.60 -15.37
N MET B 170 -6.94 -7.82 -15.61
CA MET B 170 -6.72 -8.79 -14.52
C MET B 170 -5.67 -8.25 -13.53
N TYR B 171 -4.60 -7.67 -14.06
CA TYR B 171 -3.52 -7.11 -13.25
C TYR B 171 -3.98 -5.96 -12.35
N GLN B 172 -4.76 -5.03 -12.92
CA GLN B 172 -5.32 -3.92 -12.14
C GLN B 172 -6.25 -4.39 -11.02
N ALA B 173 -7.06 -5.41 -11.31
CA ALA B 173 -7.93 -6.00 -10.30
C ALA B 173 -7.11 -6.59 -9.15
N TRP B 174 -6.01 -7.25 -9.48
CA TRP B 174 -5.10 -7.84 -8.49
C TRP B 174 -4.42 -6.76 -7.65
N PHE B 175 -3.96 -5.70 -8.30
CA PHE B 175 -3.36 -4.56 -7.63
C PHE B 175 -4.36 -3.94 -6.63
N LYS B 176 -5.57 -3.66 -7.10
CA LYS B 176 -6.63 -3.11 -6.26
C LYS B 176 -6.96 -4.00 -5.07
N ALA B 177 -7.08 -5.31 -5.31
CA ALA B 177 -7.42 -6.29 -4.27
C ALA B 177 -6.33 -6.46 -3.22
N THR B 178 -5.08 -6.45 -3.66
CA THR B 178 -3.93 -6.50 -2.76
C THR B 178 -3.90 -5.26 -1.84
N THR B 179 -4.07 -4.09 -2.46
CA THR B 179 -4.10 -2.81 -1.73
C THR B 179 -5.25 -2.79 -0.70
N LEU B 180 -6.44 -3.21 -1.13
CA LEU B 180 -7.64 -3.26 -0.30
C LEU B 180 -7.38 -4.10 0.95
N GLN B 181 -6.77 -5.26 0.74
CA GLN B 181 -6.52 -6.22 1.82
C GLN B 181 -5.49 -5.71 2.82
N VAL B 182 -4.36 -5.23 2.33
CA VAL B 182 -3.35 -4.68 3.22
C VAL B 182 -3.91 -3.49 4.04
N ALA B 183 -4.76 -2.67 3.42
CA ALA B 183 -5.44 -1.59 4.14
C ALA B 183 -6.25 -2.13 5.32
N LEU B 184 -6.99 -3.20 5.10
CA LEU B 184 -7.79 -3.82 6.15
C LEU B 184 -6.90 -4.40 7.25
N TRP B 185 -5.79 -5.01 6.85
CA TRP B 185 -4.88 -5.66 7.80
C TRP B 185 -4.19 -4.67 8.73
N SER B 186 -4.30 -3.38 8.41
CA SER B 186 -3.72 -2.34 9.26
C SER B 186 -4.45 -2.21 10.59
N TYR B 187 -5.69 -2.70 10.65
CA TYR B 187 -6.52 -2.47 11.83
C TYR B 187 -5.82 -2.81 13.15
N PRO B 188 -5.32 -4.05 13.32
CA PRO B 188 -4.70 -4.37 14.62
C PRO B 188 -3.41 -3.60 14.89
N TYR B 189 -2.83 -2.96 13.86
CA TYR B 189 -1.60 -2.19 14.01
C TYR B 189 -1.84 -0.76 14.42
N VAL B 190 -3.01 -0.24 14.07
CA VAL B 190 -3.28 1.19 14.17
C VAL B 190 -3.90 1.53 15.53
N LYS B 191 -3.43 2.62 16.13
CA LYS B 191 -4.00 3.12 17.38
C LYS B 191 -5.51 3.22 17.31
N TYR B 192 -6.20 2.80 18.37
CA TYR B 192 -7.66 2.78 18.34
C TYR B 192 -8.22 4.16 17.98
N GLY B 193 -9.07 4.18 16.96
CA GLY B 193 -9.74 5.40 16.54
C GLY B 193 -9.07 6.10 15.36
N ASP B 194 -7.89 5.61 14.97
CA ASP B 194 -7.09 6.25 13.93
C ASP B 194 -7.16 5.52 12.59
N PHE B 195 -7.88 4.41 12.55
CA PHE B 195 -7.98 3.56 11.36
C PHE B 195 -9.06 4.08 10.42
CHA HEM C . -1.81 16.51 2.60
CHB HEM C . -0.15 13.26 -0.60
CHC HEM C . -3.49 10.22 1.13
CHD HEM C . -6.06 14.19 2.17
C1A HEM C . -0.99 15.92 1.66
C2A HEM C . 0.27 16.42 1.11
C3A HEM C . 0.71 15.51 0.24
C4A HEM C . -0.23 14.41 0.19
CMA HEM C . 2.02 15.58 -0.59
CAA HEM C . 0.96 17.75 1.50
CBA HEM C . 2.12 17.47 2.45
CGA HEM C . 2.73 18.78 2.90
O1A HEM C . 3.80 19.17 2.37
O2A HEM C . 2.15 19.42 3.82
C1B HEM C . -0.85 12.10 -0.36
C2B HEM C . -0.56 10.78 -0.89
C3B HEM C . -1.47 9.92 -0.40
C4B HEM C . -2.38 10.68 0.44
CMB HEM C . 0.62 10.48 -1.82
CAB HEM C . -1.60 8.40 -0.65
CBB HEM C . -1.00 7.72 -1.64
C1C HEM C . -4.57 11.01 1.45
C2C HEM C . -5.96 10.63 1.67
C3C HEM C . -6.66 11.74 1.93
C4C HEM C . -5.76 12.87 1.92
CMC HEM C . -6.54 9.20 1.59
CAC HEM C . -8.18 11.80 2.20
CBC HEM C . -8.93 12.57 1.42
C1D HEM C . -5.17 15.15 2.58
C2D HEM C . -5.43 16.29 3.43
C3D HEM C . -4.09 17.01 3.55
C4D HEM C . -3.14 16.23 2.79
CMD HEM C . -6.77 16.71 4.07
CAD HEM C . -3.77 18.28 4.36
CBD HEM C . -3.38 17.75 5.74
CGD HEM C . -3.04 18.89 6.67
O1D HEM C . -3.97 19.49 7.27
O2D HEM C . -1.82 19.18 6.80
NA HEM C . -1.25 14.71 1.07
NB HEM C . -1.96 12.00 0.44
NC HEM C . -4.51 12.38 1.63
ND HEM C . -3.83 15.15 2.25
FE HEM C . -2.87 13.57 1.35
N1 NCA D . -3.72 14.30 -0.48
C2 NCA D . -4.33 13.53 -1.39
C3 NCA D . -5.03 14.14 -2.43
C4 NCA D . -5.09 15.53 -2.52
C5 NCA D . -4.45 16.30 -1.56
C6 NCA D . -3.77 15.65 -0.55
C7 NCA D . -5.72 13.31 -3.47
O7 NCA D . -5.47 12.12 -3.54
N7 NCA D . -6.59 13.90 -4.28
C1 GOL E . 15.48 23.04 2.01
O1 GOL E . 14.81 23.81 2.99
C2 GOL E . 14.62 22.81 0.76
O2 GOL E . 15.45 22.57 -0.35
C3 GOL E . 13.71 24.02 0.46
O3 GOL E . 12.91 23.73 -0.66
CHA HEM F . 0.97 -15.12 7.00
CHB HEM F . -0.09 -12.93 2.81
CHC HEM F . 2.96 -9.45 4.22
CHD HEM F . 5.30 -12.93 6.64
C1A HEM F . 0.33 -14.83 5.81
C2A HEM F . -0.84 -15.49 5.24
C3A HEM F . -1.12 -14.87 4.09
C4A HEM F . -0.16 -13.80 3.88
CMA HEM F . -2.27 -15.19 3.12
CAA HEM F . -1.61 -16.68 5.86
CBA HEM F . -2.87 -16.16 6.55
CGA HEM F . -3.60 -17.31 7.20
O1A HEM F . -4.60 -17.81 6.61
O2A HEM F . -3.19 -17.72 8.31
C1B HEM F . 0.59 -11.72 2.83
C2B HEM F . 0.44 -10.60 1.93
C3B HEM F . 1.28 -9.63 2.33
C4B HEM F . 2.00 -10.12 3.49
CMB HEM F . -0.54 -10.57 0.73
CAB HEM F . 1.53 -8.22 1.74
CBB HEM F . 1.05 -7.78 0.57
C1C HEM F . 3.97 -10.10 4.92
C2C HEM F . 5.30 -9.61 5.25
C3C HEM F . 5.93 -10.59 5.92
C4C HEM F . 5.04 -11.72 6.02
CMC HEM F . 5.91 -8.23 4.93
CAC HEM F . 7.37 -10.54 6.47
CBC HEM F . 8.22 -11.47 6.04
C1D HEM F . 4.33 -13.75 7.16
C2D HEM F . 4.43 -14.61 8.32
C3D HEM F . 3.05 -15.29 8.42
C4D HEM F . 2.27 -14.78 7.32
CMD HEM F . 5.63 -14.82 9.26
CAD HEM F . 2.61 -16.30 9.49
CBD HEM F . 1.91 -15.46 10.57
CGD HEM F . 1.45 -16.35 11.69
O1D HEM F . 2.26 -16.68 12.59
O2D HEM F . 0.25 -16.73 11.66
NA HEM F . 0.70 -13.82 4.95
NB HEM F . 1.55 -11.38 3.77
NC HEM F . 3.86 -11.38 5.40
ND HEM F . 3.06 -13.87 6.62
FE HEM F . 2.31 -12.61 5.19
N1 NCA G . 3.36 -13.77 3.83
C2 NCA G . 4.14 -13.24 2.88
C3 NCA G . 4.97 -14.08 2.13
C4 NCA G . 4.99 -15.45 2.38
C5 NCA G . 4.18 -15.97 3.37
C6 NCA G . 3.36 -15.10 4.09
C7 NCA G . 5.84 -13.52 1.05
O7 NCA G . 5.56 -12.43 0.58
N7 NCA G . 6.88 -14.23 0.64
#